data_4URN
#
_entry.id   4URN
#
_cell.length_a   115.678
_cell.length_b   75.321
_cell.length_c   76.144
_cell.angle_alpha   90.00
_cell.angle_beta   92.85
_cell.angle_gamma   90.00
#
_symmetry.space_group_name_H-M   'C 1 2 1'
#
loop_
_entity.id
_entity.type
_entity.pdbx_description
1 polymer 'DNA TOPOISOMERASE IV, B SUBUNIT'
2 non-polymer NOVOBIOCIN
3 water water
#
_entity_poly.entity_id   1
_entity_poly.type   'polypeptide(L)'
_entity_poly.pdbx_seq_one_letter_code
;MAMNKQNNYSDDSIQVLEGLEAVRKRPGMYIGSTDKRGLHHLVYEIVDNSVDEVLNGYGNEIDVTINKDGSISIEDNGRG
MPTGIHKSGKPTVEVIFTVLHAGGKFGQGGYKTSGGLHGVGASVVNALSEWLEVEIHRDGNIYHQSFKNGGSPSSGLVKK
GKTKKTGTKVTFKPDDTIFKASTSFNFDVLSERLQESAFLLKNLKITLNDLRSGKERQEHYHYEE
;
_entity_poly.pdbx_strand_id   A,B,C
#
loop_
_chem_comp.id
_chem_comp.type
_chem_comp.name
_chem_comp.formula
NOV non-polymer NOVOBIOCIN 'C31 H36 N2 O11'
#
# COMPACT_ATOMS: atom_id res chain seq x y z
N LEU A 17 -22.54 -5.05 -22.78
CA LEU A 17 -23.03 -4.84 -24.14
C LEU A 17 -23.44 -6.20 -24.75
N GLU A 18 -22.80 -6.58 -25.88
CA GLU A 18 -22.98 -7.84 -26.60
C GLU A 18 -21.78 -8.73 -26.21
N GLY A 19 -20.84 -8.14 -25.46
CA GLY A 19 -19.63 -8.78 -24.94
C GLY A 19 -19.94 -9.91 -23.97
N LEU A 20 -21.02 -9.76 -23.19
CA LEU A 20 -21.48 -10.78 -22.25
C LEU A 20 -22.11 -11.94 -23.05
N GLU A 21 -22.78 -11.62 -24.19
CA GLU A 21 -23.39 -12.63 -25.07
C GLU A 21 -22.27 -13.39 -25.77
N ALA A 22 -21.18 -12.69 -26.16
CA ALA A 22 -20.02 -13.28 -26.83
C ALA A 22 -19.42 -14.39 -25.97
N VAL A 23 -19.27 -14.14 -24.65
CA VAL A 23 -18.74 -15.11 -23.68
C VAL A 23 -19.70 -16.31 -23.64
N ARG A 24 -21.01 -16.05 -23.56
CA ARG A 24 -22.06 -17.09 -23.54
CA ARG A 24 -22.03 -17.10 -23.54
C ARG A 24 -22.07 -17.98 -24.81
N LYS A 25 -21.52 -17.48 -25.95
CA LYS A 25 -21.46 -18.17 -27.25
C LYS A 25 -20.22 -19.08 -27.39
N ARG A 26 -19.03 -18.56 -27.00
CA ARG A 26 -17.75 -19.26 -27.02
C ARG A 26 -17.13 -19.19 -25.60
N PRO A 27 -17.68 -19.90 -24.59
CA PRO A 27 -17.10 -19.81 -23.23
C PRO A 27 -15.66 -20.27 -23.14
N GLY A 28 -15.33 -21.34 -23.89
CA GLY A 28 -14.00 -21.94 -23.97
C GLY A 28 -12.90 -20.98 -24.35
N MET A 29 -13.24 -19.95 -25.15
CA MET A 29 -12.35 -18.87 -25.61
C MET A 29 -11.91 -17.98 -24.43
N TYR A 30 -12.77 -17.84 -23.41
CA TYR A 30 -12.49 -17.01 -22.24
C TYR A 30 -12.04 -17.87 -21.07
N ILE A 31 -12.79 -18.93 -20.73
CA ILE A 31 -12.34 -19.83 -19.67
C ILE A 31 -11.34 -20.79 -20.35
N GLY A 32 -10.91 -21.86 -19.71
CA GLY A 32 -9.98 -22.72 -20.44
C GLY A 32 -10.68 -23.66 -21.40
N SER A 33 -11.81 -24.23 -20.94
CA SER A 33 -12.62 -25.21 -21.64
C SER A 33 -14.08 -25.14 -21.17
N THR A 34 -14.99 -25.78 -21.90
CA THR A 34 -16.40 -25.76 -21.50
C THR A 34 -16.76 -27.08 -20.84
N ASP A 35 -16.01 -27.45 -19.80
CA ASP A 35 -16.20 -28.69 -19.04
C ASP A 35 -16.06 -28.44 -17.52
N LYS A 36 -15.98 -29.50 -16.68
CA LYS A 36 -15.84 -29.39 -15.22
C LYS A 36 -14.59 -28.58 -14.82
N ARG A 37 -13.51 -28.62 -15.63
CA ARG A 37 -12.29 -27.86 -15.38
C ARG A 37 -12.58 -26.34 -15.55
N GLY A 38 -13.43 -25.99 -16.54
CA GLY A 38 -13.86 -24.62 -16.81
C GLY A 38 -14.76 -24.11 -15.69
N LEU A 39 -15.74 -24.94 -15.26
CA LEU A 39 -16.67 -24.65 -14.18
C LEU A 39 -15.91 -24.29 -12.88
N HIS A 40 -14.85 -25.02 -12.58
CA HIS A 40 -14.04 -24.80 -11.38
C HIS A 40 -13.12 -23.61 -11.56
N HIS A 41 -12.77 -23.23 -12.82
CA HIS A 41 -11.94 -22.07 -13.13
C HIS A 41 -12.75 -20.77 -12.85
N LEU A 42 -14.11 -20.84 -12.88
CA LEU A 42 -14.99 -19.71 -12.52
C LEU A 42 -14.74 -19.35 -11.04
N VAL A 43 -14.62 -20.36 -10.17
CA VAL A 43 -14.35 -20.20 -8.74
C VAL A 43 -12.95 -19.61 -8.50
N TYR A 44 -11.94 -20.16 -9.19
CA TYR A 44 -10.53 -19.75 -9.10
C TYR A 44 -10.36 -18.33 -9.54
N GLU A 45 -11.20 -17.86 -10.50
CA GLU A 45 -11.15 -16.48 -10.96
C GLU A 45 -11.58 -15.56 -9.82
N ILE A 46 -12.66 -15.93 -9.11
CA ILE A 46 -13.14 -15.11 -7.99
C ILE A 46 -12.14 -15.12 -6.79
N VAL A 47 -11.53 -16.28 -6.48
CA VAL A 47 -10.52 -16.47 -5.43
C VAL A 47 -9.30 -15.63 -5.80
N ASP A 48 -8.90 -15.60 -7.10
CA ASP A 48 -7.77 -14.78 -7.59
C ASP A 48 -7.98 -13.29 -7.33
N ASN A 49 -9.25 -12.81 -7.41
CA ASN A 49 -9.58 -11.40 -7.11
C ASN A 49 -9.31 -11.11 -5.61
N SER A 50 -9.64 -12.07 -4.69
CA SER A 50 -9.37 -11.95 -3.25
C SER A 50 -7.87 -12.07 -2.97
N VAL A 51 -7.13 -12.91 -3.75
CA VAL A 51 -5.68 -13.08 -3.59
C VAL A 51 -4.97 -11.77 -3.99
N ASP A 52 -5.45 -11.12 -5.07
CA ASP A 52 -4.92 -9.83 -5.57
C ASP A 52 -4.94 -8.80 -4.42
N GLU A 53 -6.08 -8.72 -3.70
CA GLU A 53 -6.31 -7.86 -2.55
C GLU A 53 -5.42 -8.25 -1.37
N VAL A 54 -5.20 -9.56 -1.12
CA VAL A 54 -4.30 -10.02 -0.05
C VAL A 54 -2.88 -9.49 -0.37
N LEU A 55 -2.45 -9.65 -1.63
CA LEU A 55 -1.15 -9.17 -2.11
C LEU A 55 -1.06 -7.63 -2.12
N ASN A 56 -2.22 -6.92 -2.31
CA ASN A 56 -2.32 -5.45 -2.26
C ASN A 56 -1.95 -4.96 -0.84
N GLY A 57 -2.07 -5.86 0.16
CA GLY A 57 -1.72 -5.66 1.55
C GLY A 57 -2.87 -5.77 2.53
N TYR A 58 -4.05 -6.11 2.05
CA TYR A 58 -5.25 -6.17 2.88
C TYR A 58 -5.93 -7.49 2.80
N GLY A 59 -6.16 -8.07 3.96
CA GLY A 59 -6.83 -9.36 4.11
C GLY A 59 -5.88 -10.48 4.47
N ASN A 60 -6.39 -11.49 5.19
CA ASN A 60 -5.64 -12.67 5.59
C ASN A 60 -6.56 -13.91 5.72
N GLU A 61 -7.77 -13.82 5.17
CA GLU A 61 -8.73 -14.92 5.27
C GLU A 61 -9.62 -14.97 4.05
N ILE A 62 -9.78 -16.17 3.48
CA ILE A 62 -10.66 -16.39 2.34
C ILE A 62 -11.56 -17.55 2.70
N ASP A 63 -12.88 -17.35 2.62
CA ASP A 63 -13.87 -18.38 2.88
C ASP A 63 -14.64 -18.75 1.60
N VAL A 64 -14.64 -20.04 1.27
CA VAL A 64 -15.33 -20.59 0.09
C VAL A 64 -16.40 -21.55 0.59
N THR A 65 -17.66 -21.28 0.24
CA THR A 65 -18.81 -22.05 0.69
C THR A 65 -19.67 -22.58 -0.45
N ILE A 66 -19.87 -23.90 -0.50
CA ILE A 66 -20.74 -24.53 -1.52
C ILE A 66 -22.10 -24.55 -0.84
N ASN A 67 -23.04 -23.74 -1.36
CA ASN A 67 -24.38 -23.59 -0.78
C ASN A 67 -25.31 -24.69 -1.26
N LYS A 68 -26.28 -25.07 -0.42
CA LYS A 68 -27.31 -26.10 -0.68
C LYS A 68 -27.93 -26.06 -2.07
N ASP A 69 -28.02 -24.88 -2.72
CA ASP A 69 -28.60 -24.72 -4.05
C ASP A 69 -27.58 -24.86 -5.18
N GLY A 70 -26.35 -25.20 -4.84
CA GLY A 70 -25.29 -25.39 -5.84
C GLY A 70 -24.56 -24.14 -6.27
N SER A 71 -24.87 -23.01 -5.62
CA SER A 71 -24.19 -21.74 -5.89
C SER A 71 -22.91 -21.81 -5.06
N ILE A 72 -22.01 -20.86 -5.22
CA ILE A 72 -20.78 -20.84 -4.43
C ILE A 72 -20.47 -19.41 -3.98
N SER A 73 -20.07 -19.24 -2.71
CA SER A 73 -19.69 -17.97 -2.10
C SER A 73 -18.19 -17.89 -1.88
N ILE A 74 -17.58 -16.76 -2.22
CA ILE A 74 -16.15 -16.50 -2.00
C ILE A 74 -16.13 -15.18 -1.22
N GLU A 75 -15.72 -15.26 0.04
CA GLU A 75 -15.70 -14.16 0.98
C GLU A 75 -14.27 -13.85 1.45
N ASP A 76 -13.95 -12.58 1.54
CA ASP A 76 -12.64 -12.16 2.03
C ASP A 76 -12.77 -11.02 3.05
N ASN A 77 -11.64 -10.63 3.66
CA ASN A 77 -11.58 -9.54 4.64
C ASN A 77 -10.65 -8.44 4.13
N GLY A 78 -10.63 -8.24 2.81
CA GLY A 78 -9.83 -7.20 2.17
C GLY A 78 -10.49 -5.87 2.43
N ARG A 79 -10.13 -4.80 1.71
CA ARG A 79 -10.77 -3.50 1.98
C ARG A 79 -12.24 -3.43 1.47
N GLY A 80 -12.60 -4.27 0.53
CA GLY A 80 -13.92 -4.19 -0.06
C GLY A 80 -13.71 -3.45 -1.36
N MET A 81 -14.39 -3.86 -2.43
CA MET A 81 -14.25 -3.24 -3.76
C MET A 81 -14.51 -1.72 -3.71
N PRO A 82 -13.79 -0.86 -4.49
CA PRO A 82 -14.14 0.59 -4.48
C PRO A 82 -15.52 0.78 -5.12
N THR A 83 -16.34 1.69 -4.56
CA THR A 83 -17.73 1.92 -5.00
C THR A 83 -17.98 3.18 -5.86
N GLY A 84 -16.95 3.97 -6.08
CA GLY A 84 -17.04 5.21 -6.84
C GLY A 84 -17.27 5.08 -8.33
N ILE A 85 -17.07 6.18 -9.06
CA ILE A 85 -17.27 6.20 -10.50
C ILE A 85 -15.95 5.88 -11.19
N HIS A 86 -16.03 4.95 -12.15
CA HIS A 86 -14.93 4.46 -12.97
C HIS A 86 -14.75 5.48 -14.10
N LYS A 87 -13.56 5.50 -14.75
CA LYS A 87 -13.24 6.44 -15.83
C LYS A 87 -14.25 6.49 -16.98
N SER A 88 -15.01 5.40 -17.21
CA SER A 88 -16.03 5.27 -18.26
C SER A 88 -17.34 6.03 -17.94
N GLY A 89 -17.48 6.55 -16.73
CA GLY A 89 -18.67 7.25 -16.27
C GLY A 89 -19.60 6.33 -15.49
N LYS A 90 -19.40 5.02 -15.65
CA LYS A 90 -20.21 4.02 -14.98
C LYS A 90 -19.61 3.67 -13.60
N PRO A 91 -20.44 3.24 -12.60
CA PRO A 91 -19.88 2.85 -11.30
C PRO A 91 -18.89 1.68 -11.45
N THR A 92 -17.77 1.71 -10.68
CA THR A 92 -16.68 0.72 -10.67
C THR A 92 -17.14 -0.75 -10.52
N VAL A 93 -17.92 -1.08 -9.46
CA VAL A 93 -18.42 -2.43 -9.19
C VAL A 93 -19.15 -2.99 -10.41
N GLU A 94 -19.93 -2.14 -11.08
CA GLU A 94 -20.68 -2.53 -12.28
C GLU A 94 -19.74 -2.79 -13.42
N VAL A 95 -18.68 -1.96 -13.59
CA VAL A 95 -17.72 -2.14 -14.69
C VAL A 95 -17.01 -3.51 -14.58
N ILE A 96 -16.45 -3.80 -13.38
CA ILE A 96 -15.72 -5.02 -13.04
C ILE A 96 -16.49 -6.31 -13.42
N PHE A 97 -17.78 -6.34 -13.13
CA PHE A 97 -18.64 -7.49 -13.38
C PHE A 97 -19.34 -7.49 -14.75
N THR A 98 -19.17 -6.45 -15.58
CA THR A 98 -19.88 -6.42 -16.88
C THR A 98 -18.99 -6.13 -18.09
N VAL A 99 -17.76 -5.65 -17.88
CA VAL A 99 -16.83 -5.28 -18.95
C VAL A 99 -15.65 -6.26 -19.02
N LEU A 100 -15.39 -6.78 -20.24
CA LEU A 100 -14.35 -7.74 -20.56
C LEU A 100 -12.96 -7.12 -20.61
N VAL A 120 -8.48 -13.77 -15.93
CA VAL A 120 -9.62 -13.96 -16.82
C VAL A 120 -10.60 -12.77 -16.79
N GLY A 121 -11.03 -12.37 -15.58
CA GLY A 121 -11.96 -11.27 -15.36
C GLY A 121 -13.21 -11.74 -14.66
N ALA A 122 -13.78 -10.93 -13.73
CA ALA A 122 -15.00 -11.28 -13.01
C ALA A 122 -16.24 -11.16 -13.91
N SER A 123 -16.12 -10.44 -15.06
CA SER A 123 -17.19 -10.25 -16.03
C SER A 123 -17.53 -11.59 -16.69
N VAL A 124 -16.48 -12.39 -17.00
CA VAL A 124 -16.59 -13.74 -17.59
C VAL A 124 -17.43 -14.65 -16.66
N VAL A 125 -17.14 -14.64 -15.33
CA VAL A 125 -17.90 -15.44 -14.36
C VAL A 125 -19.38 -15.05 -14.43
N ASN A 126 -19.64 -13.71 -14.41
CA ASN A 126 -20.97 -13.10 -14.47
C ASN A 126 -21.71 -13.51 -15.73
N ALA A 127 -21.04 -13.50 -16.88
CA ALA A 127 -21.68 -13.91 -18.15
C ALA A 127 -22.19 -15.38 -18.12
N LEU A 128 -21.41 -16.27 -17.50
CA LEU A 128 -21.67 -17.71 -17.42
C LEU A 128 -22.46 -18.14 -16.19
N SER A 129 -23.07 -17.17 -15.52
CA SER A 129 -23.88 -17.41 -14.32
C SER A 129 -25.30 -17.01 -14.56
N GLU A 130 -26.27 -17.82 -14.10
CA GLU A 130 -27.69 -17.47 -14.24
C GLU A 130 -28.04 -16.39 -13.22
N TRP A 131 -27.11 -16.14 -12.28
CA TRP A 131 -27.19 -15.12 -11.25
C TRP A 131 -25.91 -14.97 -10.47
N LEU A 132 -25.56 -13.71 -10.16
CA LEU A 132 -24.38 -13.30 -9.41
C LEU A 132 -24.78 -12.18 -8.46
N GLU A 133 -24.28 -12.24 -7.21
CA GLU A 133 -24.46 -11.21 -6.21
C GLU A 133 -23.16 -10.87 -5.49
N VAL A 134 -22.95 -9.56 -5.30
CA VAL A 134 -21.79 -8.97 -4.63
C VAL A 134 -22.27 -8.32 -3.37
N GLU A 135 -21.47 -8.41 -2.34
CA GLU A 135 -21.72 -7.82 -1.05
C GLU A 135 -20.40 -7.23 -0.58
N ILE A 136 -20.37 -5.92 -0.36
CA ILE A 136 -19.16 -5.24 0.05
C ILE A 136 -19.36 -4.58 1.42
N HIS A 137 -18.40 -4.76 2.31
CA HIS A 137 -18.32 -4.17 3.65
C HIS A 137 -17.15 -3.20 3.50
N ARG A 138 -17.44 -1.89 3.40
CA ARG A 138 -16.44 -0.82 3.22
C ARG A 138 -16.96 0.56 3.69
N ASP A 139 -16.07 1.37 4.32
CA ASP A 139 -16.36 2.73 4.83
C ASP A 139 -17.53 2.78 5.80
N GLY A 140 -17.70 1.72 6.61
CA GLY A 140 -18.75 1.56 7.60
C GLY A 140 -20.07 1.06 7.03
N ASN A 141 -20.18 0.97 5.69
CA ASN A 141 -21.42 0.52 5.05
C ASN A 141 -21.36 -0.83 4.33
N ILE A 142 -22.55 -1.43 4.14
CA ILE A 142 -22.75 -2.68 3.43
C ILE A 142 -23.41 -2.32 2.10
N TYR A 143 -22.74 -2.63 0.99
CA TYR A 143 -23.28 -2.40 -0.34
C TYR A 143 -23.59 -3.74 -0.98
N HIS A 144 -24.66 -3.79 -1.77
CA HIS A 144 -25.10 -4.99 -2.47
C HIS A 144 -25.48 -4.66 -3.90
N GLN A 145 -25.11 -5.54 -4.83
CA GLN A 145 -25.46 -5.43 -6.24
C GLN A 145 -25.74 -6.81 -6.81
N SER A 146 -26.89 -6.96 -7.53
CA SER A 146 -27.35 -8.18 -8.14
C SER A 146 -27.34 -8.13 -9.67
N PHE A 147 -26.96 -9.27 -10.30
CA PHE A 147 -26.89 -9.48 -11.76
C PHE A 147 -27.61 -10.78 -12.06
N LYS A 148 -28.27 -10.86 -13.22
CA LYS A 148 -29.07 -12.03 -13.59
C LYS A 148 -28.94 -12.33 -15.04
N ASN A 149 -29.34 -13.56 -15.41
CA ASN A 149 -29.44 -14.11 -16.77
C ASN A 149 -28.27 -13.75 -17.69
N GLY A 150 -27.05 -13.99 -17.23
CA GLY A 150 -25.87 -13.72 -18.02
C GLY A 150 -25.18 -12.39 -17.81
N GLY A 151 -25.38 -11.78 -16.65
CA GLY A 151 -24.70 -10.53 -16.32
C GLY A 151 -25.46 -9.22 -16.47
N SER A 152 -26.78 -9.30 -16.70
CA SER A 152 -27.60 -8.11 -16.82
C SER A 152 -27.86 -7.55 -15.42
N PRO A 153 -27.43 -6.29 -15.09
CA PRO A 153 -27.70 -5.75 -13.76
C PRO A 153 -29.19 -5.74 -13.42
N SER A 154 -29.53 -6.44 -12.33
CA SER A 154 -30.87 -6.61 -11.76
C SER A 154 -31.19 -5.45 -10.81
N SER A 155 -30.13 -4.79 -10.32
CA SER A 155 -30.23 -3.65 -9.42
C SER A 155 -28.98 -2.80 -9.60
N GLY A 156 -28.95 -1.63 -8.98
CA GLY A 156 -27.76 -0.78 -8.98
C GLY A 156 -27.04 -1.14 -7.69
N LEU A 157 -25.97 -0.41 -7.33
CA LEU A 157 -25.30 -0.68 -6.08
C LEU A 157 -26.15 -0.06 -4.99
N VAL A 158 -26.67 -0.89 -4.09
CA VAL A 158 -27.58 -0.47 -3.04
C VAL A 158 -27.00 -0.64 -1.65
N LYS A 159 -27.09 0.44 -0.85
CA LYS A 159 -26.64 0.46 0.54
C LYS A 159 -27.75 -0.33 1.27
N LYS A 160 -27.37 -1.43 1.93
CA LYS A 160 -28.30 -2.34 2.61
C LYS A 160 -28.20 -2.34 4.14
N GLY A 161 -27.15 -1.75 4.68
CA GLY A 161 -26.93 -1.68 6.12
C GLY A 161 -25.59 -1.08 6.53
N LYS A 162 -25.23 -1.23 7.81
CA LYS A 162 -23.97 -0.71 8.35
C LYS A 162 -23.13 -1.84 8.98
N THR A 163 -21.82 -1.65 8.99
CA THR A 163 -20.86 -2.63 9.46
C THR A 163 -19.60 -1.97 10.06
N LYS A 164 -18.78 -2.79 10.73
CA LYS A 164 -17.49 -2.41 11.31
C LYS A 164 -16.45 -3.35 10.70
N LYS A 165 -16.96 -4.34 9.95
CA LYS A 165 -16.18 -5.35 9.25
C LYS A 165 -15.90 -4.84 7.84
N THR A 166 -14.85 -5.37 7.20
CA THR A 166 -14.47 -4.95 5.85
C THR A 166 -14.29 -6.16 4.93
N GLY A 167 -14.45 -5.96 3.61
CA GLY A 167 -14.28 -7.02 2.63
C GLY A 167 -15.35 -7.20 1.58
N THR A 168 -15.15 -8.21 0.73
CA THR A 168 -16.06 -8.50 -0.39
C THR A 168 -16.48 -9.97 -0.38
N LYS A 169 -17.76 -10.22 -0.67
CA LYS A 169 -18.33 -11.55 -0.76
C LYS A 169 -19.02 -11.69 -2.13
N VAL A 170 -18.59 -12.67 -2.94
CA VAL A 170 -19.18 -12.89 -4.27
C VAL A 170 -19.85 -14.23 -4.23
N THR A 171 -21.10 -14.29 -4.68
CA THR A 171 -21.89 -15.51 -4.70
C THR A 171 -22.51 -15.59 -6.07
N PHE A 172 -22.12 -16.63 -6.83
CA PHE A 172 -22.65 -16.88 -8.17
C PHE A 172 -23.13 -18.32 -8.31
N LYS A 173 -24.03 -18.56 -9.26
CA LYS A 173 -24.59 -19.85 -9.61
C LYS A 173 -24.33 -20.04 -11.12
N PRO A 174 -23.46 -20.98 -11.52
CA PRO A 174 -23.17 -21.16 -12.96
C PRO A 174 -24.43 -21.57 -13.74
N ASP A 175 -24.48 -21.17 -15.01
CA ASP A 175 -25.63 -21.44 -15.85
C ASP A 175 -25.65 -22.88 -16.41
N ASP A 176 -26.77 -23.60 -16.20
CA ASP A 176 -26.97 -24.99 -16.71
C ASP A 176 -27.03 -25.06 -18.24
N THR A 177 -27.31 -23.93 -18.91
CA THR A 177 -27.40 -23.88 -20.37
C THR A 177 -26.01 -23.74 -21.00
N ILE A 178 -25.00 -23.38 -20.19
CA ILE A 178 -23.60 -23.23 -20.64
C ILE A 178 -22.88 -24.55 -20.36
N PHE A 179 -22.98 -25.05 -19.10
CA PHE A 179 -22.36 -26.26 -18.64
C PHE A 179 -23.49 -27.27 -18.64
N LYS A 180 -23.81 -27.72 -19.85
CA LYS A 180 -24.88 -28.66 -20.20
C LYS A 180 -24.82 -29.96 -19.39
N ALA A 181 -23.62 -30.60 -19.31
CA ALA A 181 -23.32 -31.84 -18.59
C ALA A 181 -23.44 -31.76 -17.05
N SER A 182 -22.84 -30.70 -16.39
CA SER A 182 -22.91 -30.51 -14.92
C SER A 182 -22.59 -29.07 -14.45
N THR A 183 -23.16 -28.64 -13.32
CA THR A 183 -22.91 -27.33 -12.68
C THR A 183 -22.50 -27.55 -11.20
N SER A 184 -22.50 -28.84 -10.74
CA SER A 184 -22.17 -29.25 -9.38
C SER A 184 -20.68 -29.22 -9.09
N PHE A 185 -20.26 -28.47 -8.07
CA PHE A 185 -18.84 -28.37 -7.69
C PHE A 185 -18.41 -29.59 -6.93
N ASN A 186 -17.14 -29.99 -7.13
CA ASN A 186 -16.50 -31.11 -6.50
C ASN A 186 -15.58 -30.56 -5.41
N PHE A 187 -15.89 -30.91 -4.15
CA PHE A 187 -15.16 -30.47 -2.95
C PHE A 187 -13.64 -30.70 -3.07
N ASP A 188 -13.26 -31.94 -3.42
CA ASP A 188 -11.87 -32.43 -3.57
C ASP A 188 -11.04 -31.71 -4.61
N VAL A 189 -11.67 -31.30 -5.73
CA VAL A 189 -11.04 -30.53 -6.80
C VAL A 189 -10.73 -29.11 -6.27
N LEU A 190 -11.72 -28.46 -5.59
CA LEU A 190 -11.53 -27.09 -5.04
C LEU A 190 -10.45 -27.08 -3.97
N SER A 191 -10.52 -28.06 -3.07
CA SER A 191 -9.59 -28.29 -1.97
C SER A 191 -8.11 -28.36 -2.41
N GLU A 192 -7.78 -29.11 -3.51
CA GLU A 192 -6.38 -29.18 -3.98
C GLU A 192 -5.87 -27.83 -4.40
N ARG A 193 -6.71 -27.06 -5.10
CA ARG A 193 -6.37 -25.71 -5.57
C ARG A 193 -6.24 -24.70 -4.43
N LEU A 194 -7.17 -24.74 -3.46
CA LEU A 194 -7.13 -23.79 -2.32
C LEU A 194 -5.96 -24.09 -1.39
N GLN A 195 -5.58 -25.38 -1.28
CA GLN A 195 -4.45 -25.83 -0.48
C GLN A 195 -3.19 -25.21 -1.10
N GLU A 196 -3.03 -25.33 -2.42
CA GLU A 196 -1.92 -24.78 -3.17
C GLU A 196 -1.81 -23.25 -3.04
N SER A 197 -2.95 -22.52 -3.09
CA SER A 197 -3.00 -21.06 -2.95
C SER A 197 -2.53 -20.67 -1.54
N ALA A 198 -3.00 -21.42 -0.49
CA ALA A 198 -2.63 -21.21 0.91
C ALA A 198 -1.14 -21.46 1.12
N PHE A 199 -0.57 -22.51 0.46
CA PHE A 199 0.85 -22.81 0.53
C PHE A 199 1.68 -21.77 -0.23
N LEU A 200 1.24 -21.39 -1.44
CA LEU A 200 1.97 -20.41 -2.26
C LEU A 200 2.00 -19.00 -1.66
N LEU A 201 0.97 -18.63 -0.89
CA LEU A 201 0.92 -17.28 -0.37
C LEU A 201 1.43 -17.13 1.06
N LYS A 202 1.08 -18.07 2.00
CA LYS A 202 1.49 -18.07 3.41
C LYS A 202 0.72 -17.03 4.23
N ASN A 203 0.42 -17.35 5.52
CA ASN A 203 -0.30 -16.47 6.47
C ASN A 203 -1.70 -16.09 5.95
N LEU A 204 -2.30 -17.01 5.19
CA LEU A 204 -3.59 -16.85 4.59
C LEU A 204 -4.40 -18.09 4.88
N LYS A 205 -5.42 -17.93 5.74
CA LYS A 205 -6.30 -19.00 6.14
C LYS A 205 -7.44 -19.17 5.09
N ILE A 206 -7.42 -20.28 4.38
CA ILE A 206 -8.45 -20.54 3.39
C ILE A 206 -9.39 -21.58 3.93
N THR A 207 -10.66 -21.26 4.03
CA THR A 207 -11.57 -22.29 4.49
C THR A 207 -12.50 -22.68 3.38
N LEU A 208 -12.72 -23.96 3.24
CA LEU A 208 -13.64 -24.49 2.25
C LEU A 208 -14.74 -25.19 3.03
N ASN A 209 -16.00 -24.92 2.65
CA ASN A 209 -17.17 -25.49 3.31
C ASN A 209 -18.16 -26.00 2.30
N ASP A 210 -18.85 -27.08 2.65
CA ASP A 210 -19.90 -27.65 1.78
C ASP A 210 -21.15 -27.77 2.62
N LEU A 211 -22.20 -27.04 2.23
CA LEU A 211 -23.51 -27.00 2.93
C LEU A 211 -24.52 -27.98 2.36
N ARG A 212 -24.26 -28.53 1.17
CA ARG A 212 -25.16 -29.48 0.47
C ARG A 212 -25.62 -30.67 1.36
N SER A 213 -26.92 -31.00 1.30
CA SER A 213 -27.57 -32.07 2.07
C SER A 213 -26.89 -33.44 1.89
N GLY A 214 -26.39 -34.00 3.01
CA GLY A 214 -25.73 -35.31 3.05
C GLY A 214 -24.25 -35.37 2.72
N LYS A 215 -23.68 -34.30 2.15
CA LYS A 215 -22.26 -34.29 1.79
C LYS A 215 -21.49 -33.15 2.46
N GLU A 216 -21.96 -32.73 3.65
CA GLU A 216 -21.38 -31.65 4.43
C GLU A 216 -19.96 -31.95 4.87
N ARG A 217 -19.04 -31.00 4.60
CA ARG A 217 -17.62 -31.09 4.92
C ARG A 217 -17.04 -29.71 5.22
N GLN A 218 -16.00 -29.67 6.04
CA GLN A 218 -15.33 -28.42 6.38
C GLN A 218 -13.84 -28.66 6.50
N GLU A 219 -13.07 -27.84 5.80
CA GLU A 219 -11.62 -27.90 5.84
C GLU A 219 -11.08 -26.50 5.90
N HIS A 220 -9.87 -26.38 6.40
CA HIS A 220 -9.13 -25.13 6.51
C HIS A 220 -7.69 -25.42 6.18
N TYR A 221 -7.03 -24.45 5.55
CA TYR A 221 -5.63 -24.55 5.12
C TYR A 221 -4.92 -23.27 5.45
N HIS A 222 -3.72 -23.39 6.03
CA HIS A 222 -2.88 -22.28 6.47
C HIS A 222 -1.45 -22.76 6.65
N TYR A 223 -0.52 -22.09 5.97
CA TYR A 223 0.92 -22.36 6.00
C TYR A 223 1.66 -21.09 6.45
N GLY B 32 5.15 -3.31 -5.26
CA GLY B 32 4.20 -2.85 -6.26
C GLY B 32 2.96 -3.72 -6.29
N SER B 33 1.77 -3.12 -6.03
CA SER B 33 0.47 -3.79 -5.98
C SER B 33 -0.35 -3.58 -7.27
N THR B 34 -1.69 -3.86 -7.27
CA THR B 34 -2.58 -3.71 -8.43
C THR B 34 -3.70 -2.63 -8.18
N ASP B 35 -3.50 -1.78 -7.18
CA ASP B 35 -4.42 -0.71 -6.77
C ASP B 35 -3.80 0.68 -7.06
N LYS B 36 -4.42 1.78 -6.55
CA LYS B 36 -3.93 3.15 -6.75
C LYS B 36 -2.53 3.33 -6.20
N ARG B 37 -2.26 2.81 -5.00
CA ARG B 37 -0.96 2.86 -4.35
C ARG B 37 0.13 2.21 -5.23
N GLY B 38 -0.13 1.00 -5.75
CA GLY B 38 0.78 0.26 -6.60
C GLY B 38 1.05 0.99 -7.90
N LEU B 39 -0.02 1.61 -8.47
CA LEU B 39 0.06 2.39 -9.70
C LEU B 39 1.11 3.50 -9.52
N HIS B 40 1.07 4.19 -8.37
CA HIS B 40 2.01 5.26 -8.05
C HIS B 40 3.40 4.72 -7.70
N HIS B 41 3.49 3.49 -7.11
CA HIS B 41 4.78 2.87 -6.76
C HIS B 41 5.61 2.47 -8.01
N LEU B 42 4.94 2.21 -9.16
CA LEU B 42 5.61 1.90 -10.42
C LEU B 42 6.55 3.07 -10.71
N VAL B 43 6.03 4.33 -10.64
CA VAL B 43 6.78 5.58 -10.84
C VAL B 43 7.94 5.68 -9.85
N TYR B 44 7.68 5.45 -8.56
CA TYR B 44 8.71 5.50 -7.51
C TYR B 44 9.83 4.48 -7.75
N GLU B 45 9.49 3.28 -8.27
CA GLU B 45 10.51 2.25 -8.56
C GLU B 45 11.49 2.76 -9.61
N ILE B 46 10.97 3.45 -10.66
CA ILE B 46 11.83 3.97 -11.71
C ILE B 46 12.63 5.20 -11.23
N VAL B 47 12.02 6.10 -10.45
CA VAL B 47 12.68 7.30 -9.90
C VAL B 47 13.83 6.85 -8.96
N ASP B 48 13.55 5.86 -8.06
CA ASP B 48 14.54 5.25 -7.13
C ASP B 48 15.79 4.74 -7.85
N ASN B 49 15.63 4.17 -9.05
CA ASN B 49 16.75 3.70 -9.87
C ASN B 49 17.62 4.89 -10.27
N SER B 50 16.99 6.02 -10.65
CA SER B 50 17.71 7.25 -11.03
C SER B 50 18.37 7.91 -9.81
N VAL B 51 17.74 7.80 -8.63
CA VAL B 51 18.28 8.34 -7.37
C VAL B 51 19.50 7.52 -6.95
N ASP B 52 19.46 6.20 -7.16
CA ASP B 52 20.59 5.32 -6.85
C ASP B 52 21.78 5.71 -7.74
N GLU B 53 21.51 6.01 -9.02
CA GLU B 53 22.55 6.45 -9.91
C GLU B 53 23.08 7.83 -9.47
N VAL B 54 22.20 8.72 -8.94
CA VAL B 54 22.67 10.02 -8.40
C VAL B 54 23.60 9.73 -7.19
N LEU B 55 23.18 8.81 -6.26
CA LEU B 55 23.96 8.42 -5.08
C LEU B 55 25.27 7.71 -5.45
N ASN B 56 25.31 7.04 -6.62
CA ASN B 56 26.54 6.42 -7.17
C ASN B 56 27.56 7.54 -7.56
N GLY B 57 27.07 8.78 -7.69
CA GLY B 57 27.87 9.96 -8.01
C GLY B 57 27.70 10.51 -9.41
N TYR B 58 26.63 10.08 -10.13
CA TYR B 58 26.37 10.48 -11.52
C TYR B 58 24.94 10.95 -11.73
N GLY B 59 24.81 12.19 -12.17
CA GLY B 59 23.50 12.78 -12.41
C GLY B 59 23.25 13.99 -11.53
N ASN B 60 22.45 14.93 -12.06
CA ASN B 60 22.10 16.21 -11.43
C ASN B 60 20.61 16.50 -11.46
N GLU B 61 19.91 15.90 -12.39
CA GLU B 61 18.49 16.16 -12.58
C GLU B 61 17.69 14.94 -13.01
N ILE B 62 16.37 14.95 -12.68
CA ILE B 62 15.43 13.89 -13.03
C ILE B 62 14.17 14.57 -13.53
N ASP B 63 13.71 14.19 -14.70
CA ASP B 63 12.51 14.75 -15.28
C ASP B 63 11.48 13.70 -15.42
N VAL B 64 10.31 13.90 -14.78
CA VAL B 64 9.20 12.95 -14.83
C VAL B 64 8.10 13.63 -15.64
N THR B 65 7.57 12.97 -16.69
CA THR B 65 6.51 13.54 -17.49
C THR B 65 5.31 12.64 -17.64
N ILE B 66 4.13 13.15 -17.35
CA ILE B 66 2.90 12.37 -17.52
C ILE B 66 2.51 12.77 -18.93
N ASN B 67 2.38 11.77 -19.83
CA ASN B 67 2.04 11.99 -21.24
C ASN B 67 0.53 12.01 -21.46
N LYS B 68 0.09 12.52 -22.62
CA LYS B 68 -1.32 12.59 -23.03
C LYS B 68 -2.05 11.24 -23.03
N ASP B 69 -1.36 10.14 -23.40
CA ASP B 69 -1.93 8.78 -23.47
C ASP B 69 -2.03 8.03 -22.12
N GLY B 70 -1.54 8.63 -21.04
CA GLY B 70 -1.60 7.99 -19.73
C GLY B 70 -0.29 7.33 -19.35
N SER B 71 0.65 7.26 -20.28
CA SER B 71 1.97 6.70 -20.06
C SER B 71 2.79 7.75 -19.28
N ILE B 72 3.94 7.34 -18.73
CA ILE B 72 4.82 8.22 -17.95
C ILE B 72 6.28 7.94 -18.28
N SER B 73 7.07 9.00 -18.33
CA SER B 73 8.45 8.88 -18.63
C SER B 73 9.27 9.46 -17.50
N ILE B 74 10.36 8.77 -17.15
CA ILE B 74 11.28 9.20 -16.10
C ILE B 74 12.61 9.20 -16.78
N GLU B 75 13.29 10.33 -16.76
CA GLU B 75 14.57 10.54 -17.42
C GLU B 75 15.60 11.08 -16.45
N ASP B 76 16.85 10.60 -16.54
CA ASP B 76 17.93 11.07 -15.70
C ASP B 76 19.17 11.48 -16.53
N ASN B 77 20.18 12.01 -15.85
CA ASN B 77 21.44 12.58 -16.33
C ASN B 77 22.65 11.71 -15.87
N GLY B 78 22.36 10.47 -15.47
CA GLY B 78 23.33 9.50 -14.97
C GLY B 78 24.18 8.96 -16.09
N ARG B 79 24.95 7.85 -15.82
CA ARG B 79 25.85 7.27 -16.82
C ARG B 79 25.11 6.50 -17.92
N GLY B 80 23.85 6.13 -17.68
CA GLY B 80 23.09 5.33 -18.61
C GLY B 80 23.27 3.88 -18.19
N MET B 81 22.18 3.07 -18.26
CA MET B 81 22.20 1.67 -17.85
C MET B 81 23.22 0.90 -18.68
N PRO B 82 23.97 -0.07 -18.11
CA PRO B 82 24.96 -0.81 -18.92
C PRO B 82 24.29 -1.62 -20.02
N THR B 83 24.91 -1.61 -21.20
CA THR B 83 24.43 -2.25 -22.42
C THR B 83 25.22 -3.49 -22.81
N GLY B 84 26.30 -3.75 -22.09
CA GLY B 84 27.14 -4.91 -22.33
C GLY B 84 26.42 -6.23 -22.13
N ILE B 85 27.05 -7.32 -22.58
CA ILE B 85 26.45 -8.63 -22.49
C ILE B 85 26.59 -9.20 -21.09
N HIS B 86 25.46 -9.65 -20.53
CA HIS B 86 25.39 -10.25 -19.19
C HIS B 86 25.85 -11.71 -19.27
N LYS B 87 26.19 -12.33 -18.14
CA LYS B 87 26.58 -13.74 -18.03
C LYS B 87 25.58 -14.64 -18.80
N SER B 88 24.26 -14.44 -18.57
CA SER B 88 23.14 -15.16 -19.20
C SER B 88 23.14 -15.16 -20.74
N GLY B 89 23.77 -14.17 -21.36
CA GLY B 89 23.87 -14.10 -22.82
C GLY B 89 23.03 -13.04 -23.50
N LYS B 90 22.30 -12.24 -22.73
CA LYS B 90 21.48 -11.15 -23.25
C LYS B 90 22.12 -9.85 -22.73
N PRO B 91 21.87 -8.65 -23.34
CA PRO B 91 22.47 -7.43 -22.78
C PRO B 91 21.84 -7.11 -21.42
N THR B 92 22.65 -6.53 -20.51
CA THR B 92 22.31 -6.18 -19.13
C THR B 92 20.94 -5.47 -19.00
N VAL B 93 20.62 -4.54 -19.95
CA VAL B 93 19.35 -3.77 -20.03
C VAL B 93 18.17 -4.73 -19.98
N GLU B 94 18.15 -5.71 -20.91
CA GLU B 94 17.13 -6.74 -21.03
C GLU B 94 17.05 -7.61 -19.78
N VAL B 95 18.19 -7.91 -19.15
CA VAL B 95 18.23 -8.73 -17.96
C VAL B 95 17.57 -7.95 -16.82
N ILE B 96 17.97 -6.66 -16.60
CA ILE B 96 17.36 -5.84 -15.53
C ILE B 96 15.82 -5.81 -15.63
N PHE B 97 15.29 -5.54 -16.81
CA PHE B 97 13.85 -5.44 -17.04
C PHE B 97 13.11 -6.76 -17.16
N THR B 98 13.75 -7.91 -17.44
CA THR B 98 12.98 -9.16 -17.60
C THR B 98 13.28 -10.22 -16.52
N VAL B 99 14.45 -10.12 -15.86
CA VAL B 99 14.82 -11.07 -14.81
C VAL B 99 14.11 -10.60 -13.53
N LEU B 100 12.94 -11.23 -13.26
CA LEU B 100 12.10 -10.93 -12.10
C LEU B 100 12.23 -12.03 -11.03
N GLY B 119 15.50 -6.41 -5.16
CA GLY B 119 15.84 -5.33 -6.08
C GLY B 119 15.41 -5.62 -7.51
N VAL B 120 14.10 -5.88 -7.69
CA VAL B 120 13.48 -6.24 -8.98
C VAL B 120 12.45 -5.17 -9.47
N GLY B 121 12.66 -3.94 -9.01
CA GLY B 121 11.82 -2.78 -9.33
C GLY B 121 11.47 -2.61 -10.79
N ALA B 122 12.51 -2.43 -11.63
CA ALA B 122 12.41 -2.26 -13.09
C ALA B 122 11.65 -3.41 -13.75
N SER B 123 11.90 -4.64 -13.29
CA SER B 123 11.26 -5.82 -13.82
C SER B 123 9.77 -5.89 -13.44
N VAL B 124 9.40 -5.49 -12.19
CA VAL B 124 7.99 -5.42 -11.69
C VAL B 124 7.19 -4.42 -12.56
N VAL B 125 7.76 -3.22 -12.78
CA VAL B 125 7.17 -2.16 -13.61
C VAL B 125 6.89 -2.74 -15.02
N ASN B 126 7.90 -3.43 -15.62
CA ASN B 126 7.82 -4.05 -16.94
C ASN B 126 6.68 -5.09 -17.02
N ALA B 127 6.58 -5.95 -16.02
CA ALA B 127 5.54 -6.98 -15.90
C ALA B 127 4.11 -6.38 -15.80
N LEU B 128 3.96 -5.19 -15.14
CA LEU B 128 2.66 -4.54 -14.94
C LEU B 128 2.34 -3.42 -15.96
N SER B 129 3.15 -3.32 -17.03
CA SER B 129 2.97 -2.35 -18.08
C SER B 129 2.42 -3.02 -19.35
N GLU B 130 1.58 -2.30 -20.13
CA GLU B 130 1.10 -2.92 -21.39
C GLU B 130 2.18 -2.75 -22.47
N TRP B 131 3.11 -1.83 -22.20
CA TRP B 131 4.29 -1.50 -22.97
C TRP B 131 5.27 -0.70 -22.14
N LEU B 132 6.55 -0.77 -22.53
CA LEU B 132 7.64 -0.08 -21.87
C LEU B 132 8.76 0.11 -22.86
N GLU B 133 9.33 1.30 -22.88
CA GLU B 133 10.49 1.61 -23.72
C GLU B 133 11.62 2.21 -22.87
N VAL B 134 12.88 1.92 -23.28
CA VAL B 134 14.11 2.38 -22.63
C VAL B 134 15.01 3.01 -23.69
N GLU B 135 15.47 4.21 -23.40
CA GLU B 135 16.38 4.93 -24.25
C GLU B 135 17.59 5.21 -23.36
N ILE B 136 18.80 4.84 -23.82
CA ILE B 136 20.05 5.02 -23.07
C ILE B 136 21.05 5.78 -23.87
N HIS B 137 21.64 6.81 -23.26
CA HIS B 137 22.69 7.64 -23.80
C HIS B 137 23.89 7.30 -22.94
N ARG B 138 24.80 6.45 -23.46
CA ARG B 138 25.97 5.99 -22.71
C ARG B 138 27.15 5.76 -23.65
N ASP B 139 28.36 6.15 -23.20
CA ASP B 139 29.62 5.97 -23.94
C ASP B 139 29.59 6.47 -25.38
N GLY B 140 28.98 7.63 -25.59
CA GLY B 140 28.88 8.26 -26.88
C GLY B 140 27.78 7.75 -27.79
N ASN B 141 27.04 6.71 -27.36
CA ASN B 141 25.97 6.17 -28.19
C ASN B 141 24.59 6.16 -27.52
N ILE B 142 23.55 6.03 -28.38
CA ILE B 142 22.16 5.94 -27.99
C ILE B 142 21.74 4.50 -28.26
N TYR B 143 21.01 3.89 -27.30
CA TYR B 143 20.47 2.53 -27.39
C TYR B 143 19.01 2.62 -27.04
N HIS B 144 18.23 1.70 -27.63
CA HIS B 144 16.80 1.61 -27.42
C HIS B 144 16.40 0.15 -27.37
N GLN B 145 15.39 -0.15 -26.56
CA GLN B 145 14.80 -1.46 -26.37
C GLN B 145 13.34 -1.26 -25.94
N SER B 146 12.42 -2.03 -26.55
CA SER B 146 10.97 -2.00 -26.33
C SER B 146 10.49 -3.32 -25.78
N PHE B 147 9.42 -3.27 -24.97
CA PHE B 147 8.74 -4.40 -24.35
C PHE B 147 7.24 -4.14 -24.44
N LYS B 148 6.42 -5.20 -24.43
CA LYS B 148 4.98 -5.08 -24.51
C LYS B 148 4.27 -6.28 -23.90
N ASN B 149 2.97 -6.14 -23.61
CA ASN B 149 2.11 -7.19 -23.03
C ASN B 149 2.77 -7.95 -21.87
N GLY B 150 3.13 -7.23 -20.81
CA GLY B 150 3.73 -7.84 -19.64
C GLY B 150 5.24 -8.03 -19.65
N GLY B 151 5.94 -7.27 -20.47
CA GLY B 151 7.40 -7.33 -20.49
C GLY B 151 8.11 -8.25 -21.47
N SER B 152 7.40 -8.75 -22.48
CA SER B 152 8.02 -9.59 -23.48
C SER B 152 8.71 -8.65 -24.49
N PRO B 153 10.01 -8.80 -24.81
CA PRO B 153 10.63 -7.88 -25.79
C PRO B 153 9.97 -7.98 -27.17
N SER B 154 9.61 -6.81 -27.73
CA SER B 154 8.98 -6.62 -29.05
C SER B 154 10.07 -6.06 -29.98
N SER B 155 11.21 -5.74 -29.37
CA SER B 155 12.41 -5.21 -30.01
C SER B 155 13.60 -5.63 -29.18
N GLY B 156 14.71 -5.92 -29.85
CA GLY B 156 15.95 -6.28 -29.19
C GLY B 156 16.70 -4.99 -29.00
N LEU B 157 17.85 -5.04 -28.30
CA LEU B 157 18.67 -3.84 -28.09
C LEU B 157 19.23 -3.38 -29.44
N VAL B 158 19.09 -2.08 -29.74
CA VAL B 158 19.53 -1.49 -30.99
C VAL B 158 20.36 -0.24 -30.69
N LYS B 159 21.51 -0.06 -31.37
CA LYS B 159 22.35 1.13 -31.25
C LYS B 159 21.78 2.06 -32.33
N LYS B 160 21.38 3.30 -31.96
CA LYS B 160 20.75 4.21 -32.92
C LYS B 160 21.34 5.62 -32.98
N GLY B 161 22.58 5.74 -33.39
CA GLY B 161 23.20 7.06 -33.52
C GLY B 161 24.04 7.48 -32.35
N LYS B 162 24.89 8.51 -32.58
CA LYS B 162 25.83 9.06 -31.60
C LYS B 162 25.23 10.15 -30.70
N THR B 163 25.89 10.38 -29.54
CA THR B 163 25.53 11.36 -28.53
C THR B 163 26.77 11.79 -27.73
N LYS B 164 26.67 12.92 -27.01
CA LYS B 164 27.74 13.46 -26.16
C LYS B 164 27.20 13.56 -24.71
N LYS B 165 25.87 13.40 -24.54
CA LYS B 165 25.16 13.42 -23.25
C LYS B 165 24.96 11.99 -22.74
N THR B 166 24.72 11.83 -21.43
CA THR B 166 24.49 10.52 -20.80
C THR B 166 23.18 10.45 -20.04
N GLY B 167 22.75 9.23 -19.69
CA GLY B 167 21.52 9.01 -18.93
C GLY B 167 20.60 7.96 -19.49
N THR B 168 19.52 7.70 -18.75
CA THR B 168 18.48 6.73 -19.09
C THR B 168 17.11 7.38 -19.01
N LYS B 169 16.25 7.02 -19.96
CA LYS B 169 14.88 7.48 -20.04
C LYS B 169 14.04 6.22 -20.16
N VAL B 170 13.13 6.00 -19.21
CA VAL B 170 12.25 4.85 -19.20
C VAL B 170 10.85 5.45 -19.40
N THR B 171 10.06 4.90 -20.33
CA THR B 171 8.69 5.33 -20.59
C THR B 171 7.81 4.13 -20.45
N PHE B 172 6.79 4.18 -19.62
CA PHE B 172 5.94 3.01 -19.50
C PHE B 172 4.46 3.33 -19.42
N LYS B 173 3.63 2.40 -19.87
CA LYS B 173 2.19 2.57 -19.81
C LYS B 173 1.63 1.47 -18.89
N PRO B 174 1.12 1.81 -17.66
CA PRO B 174 0.57 0.77 -16.78
C PRO B 174 -0.58 0.02 -17.45
N ASP B 175 -0.66 -1.29 -17.23
CA ASP B 175 -1.66 -2.12 -17.88
C ASP B 175 -3.05 -2.00 -17.23
N ASP B 176 -3.99 -1.45 -18.00
CA ASP B 176 -5.40 -1.27 -17.63
C ASP B 176 -6.08 -2.61 -17.35
N THR B 177 -5.44 -3.74 -17.68
CA THR B 177 -5.96 -5.09 -17.43
C THR B 177 -5.50 -5.56 -16.03
N ILE B 178 -4.39 -4.98 -15.51
CA ILE B 178 -3.82 -5.28 -14.19
C ILE B 178 -4.53 -4.36 -13.20
N PHE B 179 -4.44 -3.02 -13.42
CA PHE B 179 -5.05 -1.98 -12.57
C PHE B 179 -6.43 -1.72 -13.18
N LYS B 180 -7.36 -2.67 -12.94
CA LYS B 180 -8.73 -2.65 -13.45
C LYS B 180 -9.58 -1.48 -12.93
N ALA B 181 -9.28 -0.95 -11.73
CA ALA B 181 -10.04 0.20 -11.20
C ALA B 181 -9.66 1.51 -11.90
N SER B 182 -8.34 1.82 -12.03
CA SER B 182 -7.81 3.05 -12.65
C SER B 182 -6.28 2.98 -12.90
N THR B 183 -5.83 3.61 -14.00
CA THR B 183 -4.41 3.79 -14.37
C THR B 183 -4.14 5.28 -14.51
N SER B 184 -4.93 6.11 -13.80
CA SER B 184 -4.77 7.56 -13.88
C SER B 184 -3.81 8.08 -12.79
N PHE B 185 -2.73 8.72 -13.19
CA PHE B 185 -1.78 9.26 -12.22
C PHE B 185 -2.36 10.55 -11.64
N ASN B 186 -2.10 10.77 -10.35
CA ASN B 186 -2.52 11.93 -9.59
C ASN B 186 -1.24 12.73 -9.45
N PHE B 187 -1.19 13.91 -10.06
CA PHE B 187 -0.04 14.82 -10.05
C PHE B 187 0.41 15.15 -8.61
N ASP B 188 -0.54 15.44 -7.72
CA ASP B 188 -0.31 15.80 -6.33
C ASP B 188 0.38 14.73 -5.51
N VAL B 189 0.00 13.46 -5.69
CA VAL B 189 0.60 12.32 -4.97
C VAL B 189 2.07 12.20 -5.41
N LEU B 190 2.30 12.25 -6.74
CA LEU B 190 3.64 12.18 -7.34
C LEU B 190 4.53 13.35 -6.88
N SER B 191 4.01 14.59 -6.96
CA SER B 191 4.65 15.87 -6.61
C SER B 191 5.22 15.85 -5.20
N GLU B 192 4.40 15.36 -4.25
CA GLU B 192 4.73 15.22 -2.83
C GLU B 192 5.97 14.32 -2.64
N ARG B 193 6.03 13.16 -3.34
CA ARG B 193 7.19 12.26 -3.25
C ARG B 193 8.43 12.84 -3.91
N LEU B 194 8.27 13.44 -5.10
CA LEU B 194 9.38 14.02 -5.86
C LEU B 194 10.00 15.21 -5.16
N GLN B 195 9.17 16.15 -4.63
CA GLN B 195 9.64 17.32 -3.89
C GLN B 195 10.43 16.89 -2.64
N GLU B 196 9.90 15.89 -1.88
CA GLU B 196 10.52 15.29 -0.68
C GLU B 196 11.91 14.78 -1.04
N SER B 197 12.00 13.99 -2.15
CA SER B 197 13.25 13.43 -2.71
C SER B 197 14.27 14.53 -3.01
N ALA B 198 13.82 15.67 -3.57
CA ALA B 198 14.70 16.81 -3.86
C ALA B 198 15.20 17.46 -2.56
N PHE B 199 14.36 17.47 -1.50
CA PHE B 199 14.71 18.06 -0.20
C PHE B 199 15.80 17.21 0.49
N LEU B 200 15.60 15.88 0.53
CA LEU B 200 16.53 14.90 1.15
C LEU B 200 17.88 14.74 0.47
N LEU B 201 17.97 14.85 -0.87
CA LEU B 201 19.25 14.63 -1.53
C LEU B 201 20.11 15.89 -1.57
N LYS B 202 19.53 17.04 -1.94
CA LYS B 202 20.17 18.36 -2.05
C LYS B 202 21.09 18.47 -3.29
N ASN B 203 20.82 19.47 -4.14
CA ASN B 203 21.50 19.79 -5.40
C ASN B 203 21.03 18.88 -6.55
N LEU B 204 19.83 18.30 -6.39
CA LEU B 204 19.19 17.44 -7.37
C LEU B 204 17.95 18.17 -7.85
N LYS B 205 17.90 18.48 -9.13
CA LYS B 205 16.76 19.20 -9.70
C LYS B 205 15.78 18.15 -10.17
N ILE B 206 14.55 18.18 -9.66
CA ILE B 206 13.52 17.25 -10.08
C ILE B 206 12.39 18.05 -10.71
N THR B 207 11.90 17.63 -11.88
CA THR B 207 10.83 18.32 -12.61
C THR B 207 9.62 17.41 -12.79
N LEU B 208 8.42 17.95 -12.62
CA LEU B 208 7.20 17.14 -12.82
C LEU B 208 6.33 17.88 -13.81
N ASN B 209 6.17 17.29 -14.97
CA ASN B 209 5.39 17.89 -16.06
C ASN B 209 4.20 17.02 -16.42
N ASP B 210 3.03 17.62 -16.53
CA ASP B 210 1.83 16.88 -16.88
C ASP B 210 1.30 17.47 -18.18
N LEU B 211 1.20 16.65 -19.21
CA LEU B 211 0.75 17.07 -20.54
C LEU B 211 -0.71 16.69 -20.83
N ARG B 212 -1.38 15.97 -19.92
CA ARG B 212 -2.78 15.55 -20.17
C ARG B 212 -3.72 16.70 -20.44
N SER B 213 -4.59 16.51 -21.44
CA SER B 213 -5.61 17.47 -21.92
C SER B 213 -6.39 18.11 -20.75
N GLY B 214 -6.33 19.44 -20.66
CA GLY B 214 -7.01 20.21 -19.63
C GLY B 214 -6.49 20.10 -18.20
N LYS B 215 -5.40 19.31 -17.96
CA LYS B 215 -4.76 19.06 -16.66
C LYS B 215 -3.28 19.51 -16.64
N GLU B 216 -2.82 20.22 -17.68
CA GLU B 216 -1.41 20.64 -17.80
C GLU B 216 -0.90 21.38 -16.56
N ARG B 217 0.22 20.91 -16.02
CA ARG B 217 0.92 21.44 -14.84
C ARG B 217 2.41 21.19 -15.02
N GLN B 218 3.23 22.06 -14.43
CA GLN B 218 4.67 21.98 -14.49
C GLN B 218 5.22 22.49 -13.16
N GLU B 219 6.12 21.72 -12.51
CA GLU B 219 6.76 22.09 -11.22
C GLU B 219 8.24 21.66 -11.20
N HIS B 220 9.08 22.45 -10.52
CA HIS B 220 10.53 22.19 -10.40
C HIS B 220 10.85 22.18 -8.91
N TYR B 221 11.57 21.17 -8.45
CA TYR B 221 11.99 21.05 -7.05
C TYR B 221 13.50 21.00 -7.03
N HIS B 222 14.11 21.93 -6.30
CA HIS B 222 15.56 22.00 -6.14
C HIS B 222 15.92 22.71 -4.84
N TYR B 223 16.67 22.00 -3.98
CA TYR B 223 17.16 22.43 -2.69
C TYR B 223 18.67 22.25 -2.65
N GLY C 19 9.74 30.45 19.94
CA GLY C 19 8.57 29.59 20.10
C GLY C 19 8.79 28.45 21.08
N LEU C 20 9.92 27.75 20.92
CA LEU C 20 10.36 26.63 21.75
C LEU C 20 10.93 27.14 23.08
N GLU C 21 11.62 28.31 23.05
CA GLU C 21 12.21 28.97 24.23
C GLU C 21 11.09 29.42 25.18
N ALA C 22 9.92 29.81 24.60
CA ALA C 22 8.71 30.27 25.30
C ALA C 22 8.11 29.16 26.17
N VAL C 23 8.26 27.88 25.75
CA VAL C 23 7.77 26.72 26.49
C VAL C 23 8.77 26.41 27.61
N ARG C 24 10.08 26.40 27.28
CA ARG C 24 11.15 26.12 28.25
C ARG C 24 11.24 27.15 29.42
N LYS C 25 10.75 28.41 29.19
CA LYS C 25 10.77 29.46 30.21
C LYS C 25 9.56 29.41 31.17
N ARG C 26 8.36 29.01 30.68
CA ARG C 26 7.15 28.85 31.51
C ARG C 26 6.55 27.44 31.24
N PRO C 27 7.26 26.36 31.68
CA PRO C 27 6.80 25.00 31.40
C PRO C 27 5.35 24.67 31.79
N GLY C 28 4.99 24.89 33.06
CA GLY C 28 3.66 24.63 33.60
C GLY C 28 2.49 25.18 32.80
N MET C 29 2.66 26.35 32.15
CA MET C 29 1.63 26.99 31.33
C MET C 29 1.24 26.19 30.06
N TYR C 30 2.07 25.20 29.68
CA TYR C 30 1.84 24.35 28.51
C TYR C 30 1.45 22.90 28.83
N ILE C 31 1.99 22.33 29.93
CA ILE C 31 1.71 20.94 30.35
C ILE C 31 0.77 20.83 31.57
N GLY C 32 0.45 21.96 32.19
CA GLY C 32 -0.44 22.00 33.34
C GLY C 32 0.29 22.27 34.65
N SER C 33 1.45 21.61 34.84
CA SER C 33 2.27 21.73 36.05
C SER C 33 3.72 21.28 35.78
N THR C 34 4.69 21.73 36.62
CA THR C 34 6.13 21.38 36.51
C THR C 34 6.46 20.26 37.55
N ASP C 35 5.47 19.44 37.78
CA ASP C 35 5.36 18.33 38.70
C ASP C 35 5.64 17.03 38.02
N LYS C 36 5.54 15.92 38.80
CA LYS C 36 5.66 14.56 38.32
C LYS C 36 4.44 14.34 37.39
N ARG C 37 3.30 15.00 37.69
CA ARG C 37 2.04 14.96 36.90
C ARG C 37 2.28 15.57 35.51
N GLY C 38 3.08 16.63 35.43
CA GLY C 38 3.43 17.34 34.20
C GLY C 38 4.35 16.50 33.35
N LEU C 39 5.23 15.78 34.02
CA LEU C 39 6.19 14.87 33.42
C LEU C 39 5.41 13.75 32.71
N HIS C 40 4.43 13.18 33.40
CA HIS C 40 3.60 12.09 32.86
C HIS C 40 2.66 12.55 31.75
N HIS C 41 2.28 13.84 31.76
CA HIS C 41 1.44 14.41 30.72
C HIS C 41 2.21 14.54 29.36
N LEU C 42 3.56 14.56 29.39
CA LEU C 42 4.39 14.59 28.16
C LEU C 42 4.12 13.23 27.41
N VAL C 43 4.15 12.09 28.15
CA VAL C 43 3.92 10.74 27.61
C VAL C 43 2.53 10.67 26.98
N TYR C 44 1.53 11.17 27.72
CA TYR C 44 0.12 11.17 27.33
C TYR C 44 -0.12 11.93 26.03
N GLU C 45 0.62 13.03 25.83
CA GLU C 45 0.51 13.83 24.61
C GLU C 45 0.92 12.99 23.41
N ILE C 46 2.07 12.28 23.52
CA ILE C 46 2.58 11.41 22.44
C ILE C 46 1.63 10.22 22.20
N VAL C 47 1.16 9.57 23.30
CA VAL C 47 0.23 8.44 23.24
C VAL C 47 -1.06 8.89 22.53
N ASP C 48 -1.62 10.09 22.89
CA ASP C 48 -2.84 10.67 22.29
C ASP C 48 -2.66 10.87 20.79
N ASN C 49 -1.45 11.22 20.32
CA ASN C 49 -1.13 11.36 18.89
C ASN C 49 -1.26 9.98 18.22
N SER C 50 -0.80 8.90 18.91
CA SER C 50 -0.94 7.53 18.37
C SER C 50 -2.40 7.08 18.42
N VAL C 51 -3.11 7.38 19.51
CA VAL C 51 -4.53 7.02 19.68
C VAL C 51 -5.36 7.71 18.58
N ASP C 52 -5.10 9.02 18.31
CA ASP C 52 -5.80 9.76 17.24
C ASP C 52 -5.63 9.06 15.89
N GLU C 53 -4.39 8.49 15.67
CA GLU C 53 -4.10 7.76 14.43
C GLU C 53 -4.89 6.45 14.41
N VAL C 54 -5.05 5.79 15.56
CA VAL C 54 -5.85 4.58 15.63
C VAL C 54 -7.31 4.97 15.27
N LEU C 55 -7.83 6.09 15.84
CA LEU C 55 -9.17 6.62 15.59
C LEU C 55 -9.39 7.09 14.13
N ASN C 56 -8.32 7.52 13.44
CA ASN C 56 -8.37 7.88 12.01
C ASN C 56 -8.66 6.61 11.16
N GLY C 57 -8.47 5.44 11.78
CA GLY C 57 -8.73 4.12 11.18
C GLY C 57 -7.51 3.31 10.87
N TYR C 58 -6.34 3.69 11.44
CA TYR C 58 -5.06 3.03 11.16
C TYR C 58 -4.27 2.67 12.41
N GLY C 59 -4.01 1.38 12.54
CA GLY C 59 -3.29 0.84 13.68
C GLY C 59 -4.16 0.16 14.70
N ASN C 60 -3.56 -0.75 15.46
CA ASN C 60 -4.28 -1.49 16.50
C ASN C 60 -3.30 -1.93 17.60
N GLU C 61 -2.07 -1.37 17.57
CA GLU C 61 -1.02 -1.71 18.56
C GLU C 61 -0.20 -0.50 18.93
N ILE C 62 -0.07 -0.26 20.23
CA ILE C 62 0.73 0.84 20.76
C ILE C 62 1.66 0.23 21.82
N ASP C 63 2.95 0.47 21.68
CA ASP C 63 3.98 -0.01 22.59
C ASP C 63 4.66 1.14 23.25
N VAL C 64 4.74 1.11 24.59
CA VAL C 64 5.36 2.17 25.39
C VAL C 64 6.55 1.50 26.12
N THR C 65 7.76 2.07 25.99
CA THR C 65 8.96 1.47 26.59
C THR C 65 9.71 2.46 27.42
N ILE C 66 9.86 2.17 28.72
CA ILE C 66 10.66 3.03 29.60
C ILE C 66 12.06 2.40 29.45
N ASN C 67 12.96 3.09 28.77
CA ASN C 67 14.33 2.60 28.50
C ASN C 67 15.22 2.71 29.74
N LYS C 68 16.35 1.97 29.75
CA LYS C 68 17.35 1.94 30.84
C LYS C 68 17.82 3.31 31.27
N ASP C 69 18.17 4.19 30.31
CA ASP C 69 18.67 5.56 30.51
C ASP C 69 17.63 6.61 31.04
N GLY C 70 16.38 6.18 31.29
CA GLY C 70 15.32 7.07 31.75
C GLY C 70 14.42 7.62 30.64
N SER C 71 14.89 7.58 29.36
CA SER C 71 14.08 8.02 28.21
C SER C 71 12.84 7.14 28.03
N ILE C 72 11.90 7.54 27.16
CA ILE C 72 10.68 6.74 26.91
C ILE C 72 10.33 6.72 25.41
N SER C 73 9.94 5.56 24.91
CA SER C 73 9.55 5.32 23.52
C SER C 73 8.06 4.94 23.37
N ILE C 74 7.37 5.60 22.45
CA ILE C 74 5.97 5.36 22.12
C ILE C 74 5.96 5.05 20.63
N GLU C 75 5.56 3.83 20.31
CA GLU C 75 5.49 3.30 18.96
C GLU C 75 4.09 2.84 18.62
N ASP C 76 3.63 3.14 17.42
CA ASP C 76 2.29 2.72 16.95
C ASP C 76 2.39 2.09 15.56
N ASN C 77 1.31 1.45 15.17
CA ASN C 77 1.04 0.69 13.95
C ASN C 77 0.28 1.55 12.89
N GLY C 78 0.34 2.87 13.05
CA GLY C 78 -0.37 3.82 12.19
C GLY C 78 0.20 4.00 10.80
N ARG C 79 -0.26 5.00 10.01
CA ARG C 79 0.29 5.22 8.65
C ARG C 79 1.73 5.81 8.67
N GLY C 80 2.14 6.36 9.81
CA GLY C 80 3.45 7.00 9.89
C GLY C 80 3.24 8.48 9.66
N MET C 81 3.97 9.32 10.38
CA MET C 81 3.83 10.75 10.25
C MET C 81 4.12 11.25 8.85
N PRO C 82 3.33 12.20 8.34
CA PRO C 82 3.61 12.71 7.00
C PRO C 82 4.98 13.37 6.97
N THR C 83 5.72 12.95 5.99
CA THR C 83 7.05 13.40 5.68
C THR C 83 6.70 14.19 4.43
N GLY C 84 7.55 15.06 3.97
CA GLY C 84 7.11 15.80 2.80
C GLY C 84 6.92 17.23 3.19
N ILE C 85 7.21 18.11 2.25
CA ILE C 85 7.20 19.55 2.45
C ILE C 85 5.82 20.09 2.80
N HIS C 86 5.81 20.87 3.90
CA HIS C 86 4.67 21.57 4.47
C HIS C 86 4.60 22.90 3.70
N LYS C 87 3.45 23.59 3.67
CA LYS C 87 3.34 24.89 2.97
C LYS C 87 4.46 25.89 3.36
N SER C 88 4.95 25.82 4.64
CA SER C 88 6.01 26.68 5.19
C SER C 88 7.44 26.45 4.63
N GLY C 89 7.61 25.43 3.79
CA GLY C 89 8.89 25.10 3.17
C GLY C 89 9.75 24.11 3.93
N LYS C 90 9.29 23.68 5.11
CA LYS C 90 10.02 22.72 5.94
C LYS C 90 9.32 21.37 5.89
N PRO C 91 10.00 20.24 6.16
CA PRO C 91 9.29 18.95 6.15
C PRO C 91 8.25 18.94 7.28
N THR C 92 7.11 18.24 7.06
CA THR C 92 5.98 18.18 7.99
C THR C 92 6.39 17.69 9.39
N VAL C 93 7.25 16.66 9.48
CA VAL C 93 7.79 16.06 10.73
C VAL C 93 8.35 17.16 11.63
N GLU C 94 9.19 18.04 11.05
CA GLU C 94 9.85 19.14 11.71
C GLU C 94 8.83 20.18 12.18
N VAL C 95 7.86 20.53 11.33
CA VAL C 95 6.82 21.51 11.64
C VAL C 95 6.01 21.06 12.89
N ILE C 96 5.58 19.77 12.92
CA ILE C 96 4.82 19.14 14.00
C ILE C 96 5.57 19.17 15.31
N PHE C 97 6.89 18.98 15.25
CA PHE C 97 7.73 18.97 16.45
C PHE C 97 8.39 20.28 16.79
N THR C 98 8.28 21.32 15.95
CA THR C 98 9.00 22.55 16.32
C THR C 98 8.12 23.78 16.38
N VAL C 99 6.95 23.76 15.70
CA VAL C 99 6.05 24.92 15.68
C VAL C 99 4.75 24.71 16.55
N LEU C 100 4.24 25.81 17.15
CA LEU C 100 3.04 25.89 18.00
C LEU C 100 1.89 26.38 17.10
N GLY C 121 1.30 20.16 20.93
CA GLY C 121 1.36 18.87 21.63
C GLY C 121 2.74 18.25 21.50
N ALA C 122 3.03 17.76 20.28
CA ALA C 122 4.32 17.16 19.96
C ALA C 122 5.47 18.19 20.18
N SER C 123 5.22 19.48 19.83
CA SER C 123 6.20 20.57 20.01
C SER C 123 6.48 20.90 21.48
N VAL C 124 5.46 20.82 22.36
CA VAL C 124 5.60 21.06 23.81
C VAL C 124 6.56 20.01 24.37
N VAL C 125 6.27 18.72 24.09
CA VAL C 125 7.11 17.59 24.52
C VAL C 125 8.55 17.77 24.02
N ASN C 126 8.73 18.21 22.73
CA ASN C 126 10.06 18.43 22.16
C ASN C 126 10.80 19.58 22.88
N ALA C 127 10.08 20.66 23.19
CA ALA C 127 10.62 21.83 23.89
C ALA C 127 11.11 21.48 25.29
N LEU C 128 10.40 20.54 25.95
CA LEU C 128 10.70 20.10 27.30
C LEU C 128 11.53 18.84 27.39
N SER C 129 12.22 18.49 26.30
CA SER C 129 13.09 17.31 26.29
C SER C 129 14.56 17.66 26.11
N GLU C 130 15.44 16.83 26.70
CA GLU C 130 16.90 16.97 26.59
C GLU C 130 17.25 16.59 25.13
N TRP C 131 16.50 15.61 24.58
CA TRP C 131 16.57 15.11 23.20
C TRP C 131 15.28 14.35 22.85
N LEU C 132 15.01 14.24 21.52
CA LEU C 132 13.83 13.57 20.97
C LEU C 132 14.12 13.07 19.57
N GLU C 133 13.84 11.77 19.33
CA GLU C 133 14.01 11.16 18.01
C GLU C 133 12.74 10.47 17.51
N VAL C 134 12.46 10.67 16.22
CA VAL C 134 11.31 10.12 15.53
C VAL C 134 11.80 9.19 14.44
N GLU C 135 11.22 8.00 14.41
CA GLU C 135 11.49 6.99 13.42
C GLU C 135 10.15 6.75 12.74
N ILE C 136 10.08 7.00 11.44
CA ILE C 136 8.83 6.83 10.69
C ILE C 136 8.92 5.72 9.64
N HIS C 137 7.91 4.85 9.57
CA HIS C 137 7.76 3.77 8.62
C HIS C 137 6.53 4.16 7.80
N ARG C 138 6.77 4.76 6.62
CA ARG C 138 5.67 5.26 5.79
C ARG C 138 5.86 5.08 4.29
N ASP C 139 4.77 4.69 3.59
CA ASP C 139 4.72 4.55 2.12
C ASP C 139 5.87 3.68 1.54
N GLY C 140 6.28 2.68 2.32
CA GLY C 140 7.32 1.74 1.97
C GLY C 140 8.72 2.15 2.38
N ASN C 141 8.90 3.25 3.16
CA ASN C 141 10.24 3.71 3.57
C ASN C 141 10.40 4.09 5.06
N ILE C 142 11.65 4.00 5.58
CA ILE C 142 12.07 4.32 6.94
C ILE C 142 12.67 5.72 6.91
N TYR C 143 12.20 6.62 7.79
CA TYR C 143 12.70 7.99 7.94
C TYR C 143 13.08 8.17 9.40
N HIS C 144 13.96 9.13 9.67
CA HIS C 144 14.44 9.43 11.01
C HIS C 144 14.88 10.89 11.11
N GLN C 145 14.61 11.52 12.26
CA GLN C 145 14.97 12.90 12.60
C GLN C 145 15.14 13.05 14.11
N SER C 146 16.16 13.80 14.50
CA SER C 146 16.55 14.07 15.87
C SER C 146 16.56 15.54 16.17
N PHE C 147 16.24 15.81 17.44
CA PHE C 147 16.18 17.11 18.07
C PHE C 147 16.88 16.92 19.41
N LYS C 148 17.50 17.98 19.92
CA LYS C 148 18.23 17.97 21.18
C LYS C 148 18.23 19.35 21.76
N ASN C 149 18.44 19.45 23.08
CA ASN C 149 18.52 20.65 23.90
C ASN C 149 17.31 21.60 23.73
N GLY C 150 16.12 21.07 23.95
CA GLY C 150 14.87 21.84 23.87
C GLY C 150 14.25 22.04 22.50
N GLY C 151 14.44 21.09 21.59
CA GLY C 151 13.85 21.16 20.25
C GLY C 151 14.68 21.76 19.14
N SER C 152 16.00 21.91 19.35
CA SER C 152 16.96 22.43 18.37
C SER C 152 17.33 21.26 17.43
N PRO C 153 17.81 21.51 16.19
CA PRO C 153 18.18 20.37 15.33
C PRO C 153 19.38 19.59 15.87
N SER C 154 19.36 18.27 15.70
CA SER C 154 20.44 17.37 16.12
C SER C 154 20.90 16.71 14.82
N SER C 155 19.96 16.01 14.16
CA SER C 155 20.14 15.35 12.88
C SER C 155 19.26 16.16 11.91
N GLY C 156 18.99 15.59 10.74
CA GLY C 156 18.15 16.19 9.73
C GLY C 156 17.27 15.08 9.23
N LEU C 157 16.22 15.41 8.46
CA LEU C 157 15.40 14.31 7.96
C LEU C 157 16.23 13.47 6.99
N VAL C 158 16.34 12.18 7.27
CA VAL C 158 17.12 11.24 6.48
C VAL C 158 16.28 10.03 6.21
N LYS C 159 16.39 9.47 4.99
CA LYS C 159 15.70 8.27 4.58
C LYS C 159 16.72 7.12 4.71
N LYS C 160 16.35 6.01 5.34
CA LYS C 160 17.31 4.93 5.53
C LYS C 160 16.74 3.55 5.22
N GLY C 161 16.38 3.32 3.97
CA GLY C 161 15.90 2.03 3.52
C GLY C 161 14.42 1.85 3.29
N LYS C 162 14.07 0.60 2.94
CA LYS C 162 12.72 0.15 2.67
CA LYS C 162 12.72 0.11 2.64
C LYS C 162 12.18 -0.66 3.85
N THR C 163 10.84 -0.84 3.92
CA THR C 163 10.12 -1.56 4.98
C THR C 163 8.73 -1.95 4.48
N LYS C 164 8.15 -3.01 5.05
CA LYS C 164 6.79 -3.45 4.71
C LYS C 164 5.85 -3.00 5.85
N LYS C 165 6.46 -2.58 6.98
CA LYS C 165 5.78 -2.09 8.17
C LYS C 165 5.39 -0.60 8.04
N THR C 166 4.39 -0.20 8.83
CA THR C 166 3.89 1.17 8.83
C THR C 166 3.83 1.70 10.28
N GLY C 167 4.10 2.98 10.49
CA GLY C 167 4.02 3.53 11.83
C GLY C 167 5.04 4.53 12.28
N THR C 168 4.80 5.12 13.45
CA THR C 168 5.65 6.13 14.07
C THR C 168 6.21 5.62 15.41
N LYS C 169 7.44 6.03 15.74
CA LYS C 169 8.15 5.75 16.98
C LYS C 169 8.80 7.03 17.44
N VAL C 170 8.30 7.59 18.55
CA VAL C 170 8.82 8.79 19.16
C VAL C 170 9.53 8.31 20.44
N THR C 171 10.78 8.78 20.64
CA THR C 171 11.58 8.47 21.81
C THR C 171 12.05 9.82 22.32
N PHE C 172 11.87 10.06 23.62
CA PHE C 172 12.31 11.32 24.21
C PHE C 172 12.80 11.13 25.62
N LYS C 173 13.69 12.01 26.06
CA LYS C 173 14.22 12.02 27.41
C LYS C 173 13.82 13.37 28.01
N PRO C 174 12.87 13.42 28.98
CA PRO C 174 12.51 14.71 29.59
C PRO C 174 13.75 15.43 30.18
N ASP C 175 13.82 16.75 29.98
CA ASP C 175 14.94 17.60 30.42
C ASP C 175 15.08 17.69 31.96
N ASP C 176 16.18 17.15 32.50
CA ASP C 176 16.48 17.16 33.94
C ASP C 176 16.61 18.56 34.57
N THR C 177 16.71 19.65 33.76
CA THR C 177 16.81 21.04 34.24
C THR C 177 15.40 21.69 34.37
N ILE C 178 14.39 21.18 33.64
CA ILE C 178 13.00 21.67 33.68
C ILE C 178 12.27 20.97 34.85
N PHE C 179 12.56 19.65 35.04
CA PHE C 179 12.00 18.79 36.09
C PHE C 179 13.16 18.32 36.98
N LYS C 180 13.72 19.27 37.75
CA LYS C 180 14.84 19.10 38.68
C LYS C 180 14.53 18.08 39.78
N ALA C 181 13.34 18.15 40.42
CA ALA C 181 12.94 17.21 41.47
C ALA C 181 12.94 15.75 41.00
N SER C 182 12.60 15.48 39.69
CA SER C 182 12.55 14.12 39.12
C SER C 182 12.13 14.02 37.66
N THR C 183 12.79 13.13 36.90
CA THR C 183 12.45 12.80 35.51
C THR C 183 12.23 11.28 35.42
N SER C 184 12.06 10.60 36.56
CA SER C 184 11.84 9.18 36.63
C SER C 184 10.34 8.90 36.47
N PHE C 185 9.97 8.07 35.49
CA PHE C 185 8.55 7.73 35.27
C PHE C 185 8.08 6.69 36.27
N ASN C 186 6.80 6.77 36.69
CA ASN C 186 6.20 5.81 37.63
C ASN C 186 5.37 4.82 36.80
N PHE C 187 5.81 3.55 36.73
CA PHE C 187 5.13 2.49 35.99
C PHE C 187 3.62 2.47 36.22
N ASP C 188 3.15 2.42 37.50
CA ASP C 188 1.73 2.35 37.88
C ASP C 188 0.91 3.54 37.41
N VAL C 189 1.49 4.74 37.36
CA VAL C 189 0.79 5.94 36.87
C VAL C 189 0.49 5.74 35.36
N LEU C 190 1.52 5.41 34.56
CA LEU C 190 1.37 5.17 33.12
C LEU C 190 0.46 3.96 32.85
N SER C 191 0.61 2.91 33.65
CA SER C 191 -0.11 1.64 33.58
C SER C 191 -1.62 1.84 33.57
N GLU C 192 -2.13 2.61 34.56
CA GLU C 192 -3.55 2.89 34.71
C GLU C 192 -4.10 3.77 33.57
N ARG C 193 -3.31 4.76 33.13
CA ARG C 193 -3.73 5.60 32.00
C ARG C 193 -3.85 4.77 30.70
N LEU C 194 -2.86 3.88 30.44
CA LEU C 194 -2.82 3.01 29.25
C LEU C 194 -3.88 1.94 29.27
N GLN C 195 -4.13 1.34 30.45
CA GLN C 195 -5.15 0.32 30.58
C GLN C 195 -6.55 0.90 30.27
N GLU C 196 -6.80 2.12 30.78
CA GLU C 196 -8.03 2.90 30.59
C GLU C 196 -8.22 3.11 29.11
N SER C 197 -7.17 3.61 28.40
CA SER C 197 -7.20 3.84 26.95
C SER C 197 -7.56 2.55 26.20
N ALA C 198 -6.92 1.41 26.59
CA ALA C 198 -7.19 0.10 25.98
C ALA C 198 -8.66 -0.27 26.18
N PHE C 199 -9.19 -0.06 27.43
CA PHE C 199 -10.58 -0.36 27.73
C PHE C 199 -11.55 0.51 26.91
N LEU C 200 -11.27 1.82 26.82
CA LEU C 200 -12.11 2.77 26.12
C LEU C 200 -12.14 2.58 24.61
N LEU C 201 -11.08 2.03 24.00
CA LEU C 201 -11.08 1.86 22.56
C LEU C 201 -11.58 0.50 22.05
N LYS C 202 -11.11 -0.62 22.62
CA LYS C 202 -11.45 -2.03 22.26
C LYS C 202 -10.73 -2.43 20.98
N ASN C 203 -10.13 -3.64 20.95
CA ASN C 203 -9.36 -4.20 19.84
C ASN C 203 -8.09 -3.38 19.56
N LEU C 204 -7.50 -2.84 20.63
CA LEU C 204 -6.27 -2.04 20.60
C LEU C 204 -5.37 -2.60 21.68
N LYS C 205 -4.30 -3.23 21.24
CA LYS C 205 -3.27 -3.85 22.06
C LYS C 205 -2.32 -2.79 22.57
N ILE C 206 -2.33 -2.53 23.88
CA ILE C 206 -1.40 -1.54 24.43
C ILE C 206 -0.42 -2.29 25.32
N THR C 207 0.87 -2.12 25.08
CA THR C 207 1.88 -2.79 25.90
C THR C 207 2.77 -1.76 26.57
N LEU C 208 3.11 -2.01 27.84
CA LEU C 208 4.00 -1.14 28.62
C LEU C 208 5.17 -1.97 29.10
N ASN C 209 6.36 -1.64 28.65
CA ASN C 209 7.56 -2.37 29.05
C ASN C 209 8.47 -1.44 29.77
N ASP C 210 9.04 -1.91 30.90
CA ASP C 210 9.99 -1.14 31.69
C ASP C 210 11.32 -1.90 31.62
N LEU C 211 12.37 -1.24 31.12
CA LEU C 211 13.71 -1.87 30.99
C LEU C 211 14.69 -1.39 32.06
N ARG C 212 14.28 -0.46 32.95
CA ARG C 212 15.17 0.06 33.98
C ARG C 212 15.66 -1.02 34.93
N SER C 213 16.99 -1.06 35.14
CA SER C 213 17.71 -2.04 35.97
C SER C 213 17.09 -2.24 37.37
N GLY C 214 16.65 -3.46 37.61
CA GLY C 214 16.04 -3.87 38.87
C GLY C 214 14.56 -3.61 39.02
N LYS C 215 13.91 -3.16 37.94
CA LYS C 215 12.47 -2.86 37.96
C LYS C 215 11.77 -3.34 36.70
N GLU C 216 12.39 -4.32 36.01
CA GLU C 216 11.92 -4.93 34.76
C GLU C 216 10.53 -5.50 34.94
N ARG C 217 9.56 -4.86 34.30
CA ARG C 217 8.16 -5.24 34.37
C ARG C 217 7.60 -5.06 32.95
N GLN C 218 6.64 -5.88 32.57
CA GLN C 218 6.03 -5.79 31.26
C GLN C 218 4.59 -6.13 31.37
N GLU C 219 3.74 -5.23 30.90
CA GLU C 219 2.30 -5.42 30.93
C GLU C 219 1.70 -5.24 29.56
N HIS C 220 0.55 -5.89 29.34
CA HIS C 220 -0.18 -5.85 28.08
C HIS C 220 -1.67 -5.74 28.39
N TYR C 221 -2.32 -4.75 27.80
CA TYR C 221 -3.74 -4.48 27.99
C TYR C 221 -4.42 -4.57 26.66
N HIS C 222 -5.48 -5.39 26.59
CA HIS C 222 -6.24 -5.62 25.36
C HIS C 222 -7.63 -6.17 25.72
N TYR C 223 -8.69 -5.48 25.28
CA TYR C 223 -10.09 -5.83 25.54
C TYR C 223 -10.86 -6.14 24.23
N GLU C 224 -11.60 -7.28 24.23
CA GLU C 224 -12.44 -7.83 23.16
C GLU C 224 -11.63 -8.48 22.04
C1 NOV D . -13.38 -8.09 -8.13
O1 NOV D . -12.89 -6.88 -7.57
N1 NOV D . -12.14 -9.36 -3.73
C12 NOV D . -11.66 -8.18 -4.11
O4 NOV D . -11.44 -7.25 -3.38
O5 NOV D . -11.47 -8.17 -5.44
C27 NOV D . -11.47 -6.80 -7.49
C28 NOV D . -11.00 -6.94 -6.05
C29 NOV D . -9.48 -6.81 -5.96
O6 NOV D . -8.80 -7.83 -6.67
C30 NOV D . -9.05 -5.43 -6.45
O7 NOV D . -9.60 -5.09 -7.72
C31 NOV D . -10.97 -5.41 -8.09
C23 NOV D . -11.82 -4.21 -7.65
C26 NOV D . -10.97 -5.50 -9.61
O8 NOV D . -9.40 -4.53 -5.41
C3 NOV D . -9.01 -3.21 -5.46
C4 NOV D . -9.36 -2.48 -4.32
C2 NOV D . -10.02 -3.14 -3.13
C5 NOV D . -8.99 -1.12 -4.30
C9 NOV D . -8.32 -0.51 -5.36
C10 NOV D . -8.00 -1.28 -6.48
C11 NOV D . -8.34 -2.63 -6.53
O10 NOV D . -9.29 -0.45 -3.13
C6 NOV D . -8.90 0.86 -2.91
O11 NOV D . -9.21 1.33 -1.84
C7 NOV D . -8.11 1.55 -4.02
C8 NOV D . -7.89 0.86 -5.19
O9 NOV D . -7.32 1.41 -6.25
N2 NOV D . -7.63 2.82 -3.61
C13 NOV D . -6.32 3.05 -3.26
O2 NOV D . -5.43 2.20 -3.37
C14 NOV D . -6.00 4.42 -2.73
C15 NOV D . -6.77 5.53 -3.06
C16 NOV D . -6.44 6.81 -2.62
C17 NOV D . -5.30 6.96 -1.83
O3 NOV D . -4.91 8.21 -1.41
C18 NOV D . -4.53 5.86 -1.48
C19 NOV D . -4.88 4.59 -1.92
C20 NOV D . -7.31 8.02 -2.95
C21 NOV D . -8.16 7.95 -4.19
C22 NOV D . -8.25 8.84 -5.17
C24 NOV D . -9.16 8.63 -6.34
C25 NOV D . -7.46 10.12 -5.21
C1 NOV E . 17.44 0.01 -13.84
O1 NOV E . 18.83 0.26 -13.99
N1 NOV E . 18.17 4.77 -14.19
C12 NOV E . 19.29 4.12 -13.86
O4 NOV E . 20.40 4.50 -14.13
O5 NOV E . 19.00 2.98 -13.15
C27 NOV E . 19.52 0.63 -12.79
C28 NOV E . 20.06 2.05 -12.90
C29 NOV E . 20.93 2.41 -11.68
O6 NOV E . 20.25 2.46 -10.43
C30 NOV E . 22.10 1.44 -11.60
O7 NOV E . 21.69 0.08 -11.65
C31 NOV E . 20.71 -0.41 -12.60
C23 NOV E . 21.45 -0.80 -13.87
C26 NOV E . 20.18 -1.66 -11.91
O8 NOV E . 23.01 1.83 -12.61
C3 NOV E . 24.24 1.21 -12.73
C4 NOV E . 25.06 1.77 -13.72
C2 NOV E . 24.57 2.91 -14.59
C5 NOV E . 26.33 1.23 -13.88
C9 NOV E . 26.79 0.14 -13.12
C10 NOV E . 25.93 -0.40 -12.16
C11 NOV E . 24.67 0.12 -11.96
O10 NOV E . 27.15 1.87 -14.79
C6 NOV E . 28.46 1.50 -15.01
O11 NOV E . 29.05 2.19 -15.81
C7 NOV E . 28.98 0.32 -14.24
C8 NOV E . 28.17 -0.31 -13.33
O9 NOV E . 28.56 -1.36 -12.62
N2 NOV E . 30.30 -0.02 -14.62
C13 NOV E . 31.42 0.28 -13.90
O2 NOV E . 31.39 0.98 -12.88
C14 NOV E . 32.71 -0.29 -14.41
C15 NOV E . 32.69 -1.35 -15.32
C16 NOV E . 33.88 -1.91 -15.81
C17 NOV E . 35.10 -1.40 -15.35
O3 NOV E . 36.27 -1.93 -15.80
C18 NOV E . 35.12 -0.35 -14.44
C19 NOV E . 33.94 0.21 -13.98
C20 NOV E . 33.82 -3.05 -16.81
C21 NOV E . 32.53 -3.20 -17.57
C22 NOV E . 32.30 -2.95 -18.87
C24 NOV E . 33.35 -2.46 -19.81
C25 NOV E . 30.94 -3.12 -19.47
C1 NOV F . 2.53 13.67 15.88
O1 NOV F . 2.04 13.33 14.57
N1 NOV F . 1.53 9.10 16.32
C12 NOV F . 1.08 9.68 15.20
O4 NOV F . 0.97 9.14 14.11
O5 NOV F . 0.73 10.96 15.42
C27 NOV F . 0.62 13.19 14.50
C28 NOV F . 0.24 11.73 14.30
C29 NOV F . -1.27 11.54 14.09
O6 NOV F . -2.05 11.80 15.25
C30 NOV F . -1.76 12.37 12.91
O7 NOV F . -1.26 13.71 12.92
C31 NOV F . 0.08 14.06 13.35
C23 NOV F . 0.95 14.06 12.08
C26 NOV F . -0.14 15.47 13.85
O8 NOV F . -1.40 11.65 11.76
C3 NOV F . -1.68 12.11 10.49
C4 NOV F . -1.30 11.20 9.48
C2 NOV F . -0.41 10.02 9.80
C5 NOV F . -1.73 11.46 8.18
C9 NOV F . -2.45 12.62 7.85
C10 NOV F . -2.73 13.54 8.86
C11 NOV F . -2.37 13.28 10.17
O10 NOV F . -1.50 10.47 7.25
C6 NOV F . -1.96 10.53 5.96
O11 NOV F . -1.64 9.61 5.25
C7 NOV F . -2.78 11.76 5.55
C8 NOV F . -2.96 12.75 6.48
O9 NOV F . -3.57 13.89 6.20
N2 NOV F . -3.34 11.61 4.26
C13 NOV F . -4.65 11.21 4.13
O2 NOV F . -5.38 11.01 5.10
C14 NOV F . -5.17 11.04 2.74
C15 NOV F . -6.49 10.61 2.58
C16 NOV F . -7.07 10.50 1.31
C17 NOV F . -6.29 10.81 0.20
O3 NOV F . -6.84 10.72 -1.05
C18 NOV F . -4.97 11.23 0.34
C19 NOV F . -4.41 11.34 1.61
C20 NOV F . -8.52 10.06 1.23
C21 NOV F . -8.72 8.71 0.61
C22 NOV F . -9.21 7.60 1.17
C24 NOV F . -9.33 6.31 0.41
C25 NOV F . -9.69 7.54 2.60
#